data_4P6T
#
_entry.id   4P6T
#
_cell.length_a   47.690
_cell.length_b   78.090
_cell.length_c   84.280
_cell.angle_alpha   90.000
_cell.angle_beta   105.960
_cell.angle_gamma   90.000
#
_symmetry.space_group_name_H-M   'P 1 21 1'
#
loop_
_entity.id
_entity.type
_entity.pdbx_description
1 polymer Tyrosinase
2 non-polymer 4-(2-hydroxyethyl)phenol
3 non-polymer 'COPPER (II) ION'
4 water water
#
_entity_poly.entity_id   1
_entity_poly.type   'polypeptide(L)'
_entity_poly.pdbx_seq_one_letter_code
;KYRVRKNVLHLTDTEKRDFVRTVLILKEKGIYDRYIAWHGAAGKFHTPPGSDRNAAHMSSAFLPWHREYLLRFERDLQSI
NPEVTLPYWEWETDAQMQDPSQSQIWSADFMGGNGNPIKDFIVDTGPFAAGRWTTIDEQGNPSGGLKRNFGATKEAPTLP
TRDDVLNALKITQYDTPPWDMTSQNSFRNQLEGFINGPQLHNRVHRWVGGQMGVVPTAPNDPVFFLHHANVDRIWAVWQI
IHRNQNYQPMKNGPFGQNFRDPMYPWNTTPEDVMNHRKLGYVYDIEL
;
_entity_poly.pdbx_strand_id   A,B
#
loop_
_chem_comp.id
_chem_comp.type
_chem_comp.name
_chem_comp.formula
CU non-polymer 'COPPER (II) ION' 'Cu 2'
YRL non-polymer 4-(2-hydroxyethyl)phenol 'C8 H10 O2'
#
# COMPACT_ATOMS: atom_id res chain seq x y z
N LYS A 1 18.42 3.02 -21.48
CA LYS A 1 19.52 2.59 -22.31
C LYS A 1 20.70 1.91 -21.62
N TYR A 2 21.11 2.42 -20.49
CA TYR A 2 22.36 1.99 -19.93
C TYR A 2 22.35 0.71 -19.13
N ARG A 3 21.34 0.53 -18.29
CA ARG A 3 21.13 -0.72 -17.55
C ARG A 3 20.65 -1.86 -18.45
N VAL A 4 21.44 -2.92 -18.57
CA VAL A 4 21.06 -4.06 -19.39
C VAL A 4 20.50 -5.22 -18.58
N ARG A 5 19.23 -5.54 -18.78
CA ARG A 5 18.64 -6.71 -18.17
C ARG A 5 18.92 -7.95 -19.05
N LYS A 6 19.47 -8.98 -18.44
CA LYS A 6 19.95 -10.16 -19.18
C LYS A 6 19.15 -11.46 -18.91
N ASN A 7 19.20 -12.35 -19.89
CA ASN A 7 18.68 -13.70 -19.69
C ASN A 7 19.47 -14.36 -18.56
N VAL A 8 18.73 -15.00 -17.65
CA VAL A 8 19.32 -15.70 -16.53
C VAL A 8 20.39 -16.71 -16.96
N LEU A 9 20.19 -17.35 -18.10
CA LEU A 9 21.07 -18.41 -18.57
C LEU A 9 22.40 -17.91 -19.10
N HIS A 10 22.48 -16.61 -19.38
CA HIS A 10 23.68 -16.01 -19.96
C HIS A 10 24.49 -15.32 -18.88
N LEU A 11 23.93 -15.26 -17.68
CA LEU A 11 24.62 -14.72 -16.52
C LEU A 11 25.86 -15.55 -16.14
N THR A 12 26.98 -14.87 -15.87
CA THR A 12 28.16 -15.55 -15.34
C THR A 12 27.89 -15.98 -13.91
N ASP A 13 28.79 -16.75 -13.34
CA ASP A 13 28.59 -17.22 -12.00
C ASP A 13 28.68 -16.10 -10.99
N THR A 14 29.59 -15.19 -11.20
CA THR A 14 29.69 -14.06 -10.33
C THR A 14 28.54 -13.09 -10.45
N GLU A 15 27.94 -13.02 -11.63
CA GLU A 15 26.69 -12.26 -11.79
C GLU A 15 25.58 -12.88 -10.94
N LYS A 16 25.51 -14.19 -10.91
CA LYS A 16 24.52 -14.85 -10.10
C LYS A 16 24.81 -14.72 -8.63
N ARG A 17 26.07 -14.63 -8.27
CA ARG A 17 26.50 -14.36 -6.94
C ARG A 17 25.97 -13.04 -6.45
N ASP A 18 26.30 -12.00 -7.15
CA ASP A 18 26.01 -10.71 -6.63
C ASP A 18 24.53 -10.38 -6.57
N PHE A 19 23.76 -10.94 -7.48
CA PHE A 19 22.33 -10.69 -7.48
C PHE A 19 21.69 -11.30 -6.25
N VAL A 20 22.02 -12.58 -6.02
CA VAL A 20 21.52 -13.30 -4.86
C VAL A 20 21.94 -12.55 -3.58
N ARG A 21 23.18 -12.11 -3.54
CA ARG A 21 23.69 -11.35 -2.41
C ARG A 21 22.83 -10.11 -2.13
N THR A 22 22.57 -9.37 -3.20
CA THR A 22 21.87 -8.10 -3.11
C THR A 22 20.46 -8.29 -2.57
N VAL A 23 19.79 -9.34 -3.04
CA VAL A 23 18.45 -9.67 -2.61
C VAL A 23 18.43 -10.01 -1.12
N LEU A 24 19.44 -10.76 -0.68
CA LEU A 24 19.53 -11.14 0.70
C LEU A 24 19.75 -9.91 1.55
N ILE A 25 20.49 -8.93 1.02
CA ILE A 25 20.69 -7.68 1.74
C ILE A 25 19.40 -6.83 1.86
N LEU A 26 18.65 -6.69 0.78
CA LEU A 26 17.33 -6.05 0.86
C LEU A 26 16.49 -6.78 1.89
N LYS A 27 16.56 -8.09 1.88
CA LYS A 27 15.78 -8.87 2.83
C LYS A 27 16.20 -8.57 4.27
N GLU A 28 17.50 -8.54 4.51
CA GLU A 28 18.01 -8.30 5.85
C GLU A 28 17.71 -6.88 6.36
N LYS A 29 17.79 -5.91 5.46
CA LYS A 29 17.52 -4.50 5.80
C LYS A 29 16.05 -4.23 6.09
N GLY A 30 15.17 -5.12 5.63
CA GLY A 30 13.75 -5.00 5.86
C GLY A 30 13.03 -4.36 4.68
N ILE A 31 13.78 -4.10 3.61
CA ILE A 31 13.21 -3.46 2.43
C ILE A 31 12.48 -4.43 1.51
N TYR A 32 12.87 -5.69 1.57
CA TYR A 32 12.28 -6.71 0.70
C TYR A 32 10.80 -6.92 1.04
N ASP A 33 10.49 -6.93 2.31
CA ASP A 33 9.16 -7.14 2.76
C ASP A 33 8.19 -6.07 2.32
N ARG A 34 8.71 -4.90 2.03
CA ARG A 34 7.89 -3.81 1.55
C ARG A 34 7.29 -4.19 0.21
N TYR A 35 8.03 -5.00 -0.54
CA TYR A 35 7.63 -5.41 -1.89
C TYR A 35 6.57 -6.47 -1.85
N ILE A 36 6.66 -7.36 -0.87
CA ILE A 36 5.64 -8.39 -0.68
C ILE A 36 4.34 -7.72 -0.27
N ALA A 37 4.42 -6.84 0.72
CA ALA A 37 3.25 -6.10 1.19
C ALA A 37 2.60 -5.23 0.09
N TRP A 38 3.42 -4.47 -0.63
CA TRP A 38 2.94 -3.61 -1.72
C TRP A 38 2.08 -4.35 -2.73
N HIS A 39 2.43 -5.60 -2.98
CA HIS A 39 1.79 -6.40 -4.00
C HIS A 39 0.49 -6.99 -3.45
N GLY A 40 0.54 -7.46 -2.20
CA GLY A 40 -0.65 -7.87 -1.48
C GLY A 40 -1.68 -6.74 -1.36
N ALA A 41 -1.21 -5.57 -0.94
CA ALA A 41 -2.07 -4.37 -0.89
C ALA A 41 -2.80 -4.06 -2.21
N ALA A 42 -2.03 -3.92 -3.29
CA ALA A 42 -2.58 -3.58 -4.60
C ALA A 42 -3.56 -4.66 -5.03
N GLY A 43 -3.27 -5.89 -4.59
CA GLY A 43 -4.11 -7.04 -4.87
C GLY A 43 -5.49 -6.91 -4.27
N LYS A 44 -5.61 -6.12 -3.20
CA LYS A 44 -6.90 -5.93 -2.54
C LYS A 44 -7.54 -4.55 -2.79
N PHE A 45 -6.98 -3.77 -3.71
CA PHE A 45 -7.52 -2.45 -4.07
C PHE A 45 -8.28 -2.55 -5.38
N HIS A 46 -9.61 -2.61 -5.32
CA HIS A 46 -10.39 -2.96 -6.48
C HIS A 46 -10.90 -1.77 -7.25
N THR A 47 -10.97 -1.91 -8.57
CA THR A 47 -11.24 -0.77 -9.45
C THR A 47 -12.38 -1.00 -10.42
N PRO A 48 -13.59 -0.55 -10.06
CA PRO A 48 -13.90 0.09 -8.78
C PRO A 48 -14.21 -0.92 -7.69
N PRO A 49 -14.42 -0.45 -6.46
CA PRO A 49 -14.67 -1.34 -5.33
C PRO A 49 -15.79 -2.34 -5.65
N GLY A 50 -15.54 -3.61 -5.37
CA GLY A 50 -16.50 -4.66 -5.61
C GLY A 50 -16.27 -5.37 -6.93
N SER A 51 -15.21 -4.98 -7.64
CA SER A 51 -14.87 -5.55 -8.94
C SER A 51 -13.73 -6.55 -8.82
N ASP A 52 -13.52 -7.31 -9.88
CA ASP A 52 -12.38 -8.18 -10.02
C ASP A 52 -11.13 -7.39 -10.15
N ARG A 53 -11.19 -6.45 -11.07
CA ARG A 53 -10.09 -5.56 -11.34
C ARG A 53 -9.51 -5.02 -10.05
N ASN A 54 -8.18 -5.07 -9.93
CA ASN A 54 -7.48 -4.38 -8.84
C ASN A 54 -6.30 -3.59 -9.39
N ALA A 55 -5.67 -2.80 -8.54
CA ALA A 55 -4.60 -1.93 -9.01
C ALA A 55 -3.55 -2.70 -9.84
N ALA A 56 -3.29 -3.95 -9.48
CA ALA A 56 -2.16 -4.70 -10.07
C ALA A 56 -2.53 -5.81 -11.05
N HIS A 57 -3.68 -6.46 -10.87
CA HIS A 57 -4.04 -7.55 -11.78
C HIS A 57 -5.43 -7.39 -12.35
N MET A 58 -5.73 -8.24 -13.34
CA MET A 58 -7.08 -8.42 -13.86
C MET A 58 -7.67 -7.19 -14.59
N SER A 59 -6.81 -6.26 -15.00
CA SER A 59 -7.23 -5.07 -15.73
C SER A 59 -6.08 -4.51 -16.55
N SER A 60 -6.30 -3.36 -17.20
CA SER A 60 -5.30 -2.70 -18.05
C SER A 60 -3.95 -2.39 -17.37
N ALA A 61 -3.99 -1.90 -16.14
CA ALA A 61 -2.77 -1.46 -15.44
C ALA A 61 -1.82 -2.58 -14.96
N PHE A 62 -2.28 -3.83 -15.03
CA PHE A 62 -1.43 -4.99 -14.77
C PHE A 62 0.02 -4.81 -15.25
N LEU A 63 0.20 -4.47 -16.53
CA LEU A 63 1.52 -4.45 -17.11
C LEU A 63 2.41 -3.35 -16.56
N PRO A 64 1.95 -2.09 -16.64
CA PRO A 64 2.72 -0.95 -16.11
C PRO A 64 2.84 -0.94 -14.56
N TRP A 65 1.88 -1.53 -13.86
CA TRP A 65 2.03 -1.71 -12.41
C TRP A 65 3.25 -2.56 -12.16
N HIS A 66 3.25 -3.77 -12.71
CA HIS A 66 4.38 -4.67 -12.49
C HIS A 66 5.68 -4.06 -13.07
N ARG A 67 5.56 -3.19 -14.08
CA ARG A 67 6.74 -2.43 -14.57
C ARG A 67 7.30 -1.40 -13.55
N GLU A 68 6.42 -0.65 -12.88
CA GLU A 68 6.81 0.27 -11.83
C GLU A 68 7.37 -0.49 -10.64
N TYR A 69 6.76 -1.64 -10.39
CA TYR A 69 7.14 -2.50 -9.28
C TYR A 69 8.62 -2.91 -9.42
N LEU A 70 8.96 -3.51 -10.57
CA LEU A 70 10.32 -3.96 -10.84
C LEU A 70 11.35 -2.82 -10.94
N LEU A 71 10.92 -1.67 -11.43
CA LEU A 71 11.80 -0.50 -11.50
C LEU A 71 12.25 -0.07 -10.11
N ARG A 72 11.29 0.26 -9.26
CA ARG A 72 11.58 0.60 -7.87
C ARG A 72 12.46 -0.47 -7.24
N PHE A 73 12.17 -1.72 -7.58
CA PHE A 73 12.90 -2.86 -7.04
C PHE A 73 14.31 -2.92 -7.57
N GLU A 74 14.53 -2.57 -8.82
CA GLU A 74 15.88 -2.54 -9.35
C GLU A 74 16.70 -1.40 -8.79
N ARG A 75 16.07 -0.25 -8.68
CA ARG A 75 16.72 0.91 -8.14
C ARG A 75 17.26 0.67 -6.74
N ASP A 76 16.52 -0.10 -5.97
CA ASP A 76 16.97 -0.51 -4.63
C ASP A 76 18.12 -1.50 -4.69
N LEU A 77 18.10 -2.40 -5.67
CA LEU A 77 19.20 -3.32 -5.91
C LEU A 77 20.45 -2.50 -6.17
N GLN A 78 20.31 -1.50 -7.04
CA GLN A 78 21.42 -0.65 -7.43
C GLN A 78 21.91 0.29 -6.33
N SER A 79 21.09 0.50 -5.29
CA SER A 79 21.53 1.21 -4.10
C SER A 79 22.58 0.44 -3.35
N ILE A 80 22.29 -0.83 -3.17
CA ILE A 80 23.22 -1.79 -2.60
C ILE A 80 24.38 -2.03 -3.56
N ASN A 81 24.05 -2.33 -4.80
CA ASN A 81 25.07 -2.65 -5.79
C ASN A 81 24.68 -2.18 -7.18
N PRO A 82 25.32 -1.10 -7.65
CA PRO A 82 25.09 -0.42 -8.92
C PRO A 82 25.24 -1.28 -10.19
N GLU A 83 26.07 -2.30 -10.18
CA GLU A 83 26.21 -3.11 -11.37
C GLU A 83 25.19 -4.22 -11.45
N VAL A 84 24.55 -4.51 -10.35
CA VAL A 84 23.47 -5.48 -10.32
C VAL A 84 22.22 -4.97 -11.05
N THR A 85 21.71 -5.76 -11.99
CA THR A 85 20.45 -5.46 -12.66
C THR A 85 19.47 -6.64 -12.55
N LEU A 86 18.23 -6.35 -12.82
CA LEU A 86 17.22 -7.34 -12.76
C LEU A 86 17.25 -8.22 -13.99
N PRO A 87 17.67 -9.48 -13.84
CA PRO A 87 17.73 -10.42 -14.97
C PRO A 87 16.38 -11.03 -15.24
N TYR A 88 16.23 -11.76 -16.35
CA TYR A 88 14.93 -12.33 -16.66
C TYR A 88 14.97 -13.84 -16.86
N TRP A 89 13.90 -14.49 -16.42
CA TRP A 89 13.74 -15.91 -16.56
C TRP A 89 12.95 -16.19 -17.83
N GLU A 90 13.65 -16.64 -18.86
CA GLU A 90 13.02 -16.89 -20.15
C GLU A 90 12.28 -18.22 -20.14
N TRP A 91 11.17 -18.27 -19.41
CA TRP A 91 10.52 -19.55 -19.15
C TRP A 91 10.03 -20.29 -20.41
N GLU A 92 9.85 -19.57 -21.52
CA GLU A 92 9.42 -20.20 -22.76
C GLU A 92 10.54 -20.98 -23.45
N THR A 93 11.79 -20.74 -23.04
CA THR A 93 12.88 -21.58 -23.51
C THR A 93 12.94 -22.87 -22.71
N ASP A 94 12.77 -22.76 -21.39
CA ASP A 94 12.77 -23.92 -20.51
C ASP A 94 11.63 -24.86 -20.90
N ALA A 95 10.62 -24.30 -21.58
CA ALA A 95 9.47 -25.09 -22.02
C ALA A 95 9.87 -26.08 -23.10
N GLN A 96 10.91 -25.75 -23.88
CA GLN A 96 11.35 -26.66 -24.93
C GLN A 96 12.22 -27.79 -24.39
N MET A 97 12.45 -27.79 -23.08
CA MET A 97 13.28 -28.82 -22.47
C MET A 97 12.52 -30.13 -22.23
N GLN A 98 13.28 -31.23 -22.25
CA GLN A 98 12.76 -32.53 -21.82
C GLN A 98 12.31 -32.42 -20.38
N ASP A 99 13.13 -31.75 -19.57
CA ASP A 99 12.86 -31.57 -18.16
C ASP A 99 13.17 -30.18 -17.61
N PRO A 100 12.15 -29.31 -17.62
CA PRO A 100 12.28 -27.90 -17.22
C PRO A 100 12.81 -27.77 -15.80
N SER A 101 12.76 -28.84 -15.03
CA SER A 101 13.30 -28.81 -13.67
C SER A 101 14.83 -28.93 -13.68
N GLN A 102 15.42 -29.26 -14.81
CA GLN A 102 16.86 -29.23 -14.89
C GLN A 102 17.38 -27.89 -15.30
N SER A 103 16.49 -26.95 -15.46
CA SER A 103 16.91 -25.60 -15.78
C SER A 103 17.88 -25.01 -14.74
N GLN A 104 18.91 -24.36 -15.25
CA GLN A 104 19.95 -23.77 -14.43
C GLN A 104 19.47 -22.60 -13.56
N ILE A 105 18.26 -22.10 -13.80
CA ILE A 105 17.67 -21.14 -12.88
C ILE A 105 17.41 -21.78 -11.51
N TRP A 106 17.29 -23.10 -11.50
CA TRP A 106 16.90 -23.82 -10.30
C TRP A 106 18.09 -24.43 -9.56
N SER A 107 19.30 -24.06 -9.96
CA SER A 107 20.48 -24.61 -9.31
C SER A 107 20.73 -23.98 -7.93
N ALA A 108 21.44 -24.74 -7.10
CA ALA A 108 21.58 -24.40 -5.68
C ALA A 108 22.16 -23.02 -5.48
N ASP A 109 22.85 -22.52 -6.50
CA ASP A 109 23.61 -21.27 -6.42
C ASP A 109 22.81 -20.05 -6.87
N PHE A 110 21.64 -20.30 -7.45
CA PHE A 110 20.79 -19.22 -7.90
C PHE A 110 19.43 -19.30 -7.19
N MET A 111 18.39 -19.77 -7.87
CA MET A 111 17.09 -19.80 -7.21
C MET A 111 16.88 -20.96 -6.20
N GLY A 112 17.69 -22.02 -6.30
CA GLY A 112 17.43 -23.21 -5.52
C GLY A 112 16.32 -23.98 -6.20
N GLY A 113 16.00 -25.19 -5.69
CA GLY A 113 15.15 -26.13 -6.41
C GLY A 113 13.70 -26.29 -6.01
N ASN A 114 13.14 -27.44 -6.36
CA ASN A 114 11.73 -27.74 -6.08
C ASN A 114 11.47 -27.94 -4.58
N GLY A 115 10.20 -27.80 -4.18
CA GLY A 115 9.81 -28.03 -2.80
C GLY A 115 10.04 -29.46 -2.38
N ASN A 116 10.03 -29.71 -1.09
CA ASN A 116 10.30 -31.05 -0.58
C ASN A 116 9.04 -31.71 -0.02
N PRO A 117 8.45 -32.63 -0.80
CA PRO A 117 7.19 -33.29 -0.41
C PRO A 117 7.22 -33.96 0.96
N ILE A 118 8.38 -34.45 1.41
CA ILE A 118 8.52 -35.00 2.76
C ILE A 118 8.45 -33.89 3.79
N LYS A 119 8.96 -32.73 3.40
CA LYS A 119 8.87 -31.50 4.17
C LYS A 119 7.64 -30.65 3.85
N ASP A 120 6.69 -31.18 3.12
CA ASP A 120 5.49 -30.44 2.75
C ASP A 120 5.79 -29.33 1.77
N PHE A 121 6.70 -29.61 0.87
CA PHE A 121 7.01 -28.72 -0.25
C PHE A 121 7.80 -27.47 0.13
N ILE A 122 8.28 -27.46 1.36
CA ILE A 122 9.30 -26.52 1.79
C ILE A 122 10.52 -26.68 0.87
N VAL A 123 11.15 -25.57 0.52
CA VAL A 123 12.35 -25.63 -0.33
C VAL A 123 13.59 -25.79 0.53
N ASP A 124 14.34 -26.86 0.29
CA ASP A 124 15.45 -27.21 1.16
C ASP A 124 16.79 -26.96 0.50
N THR A 125 16.78 -26.50 -0.75
CA THR A 125 18.03 -26.17 -1.47
C THR A 125 18.11 -24.69 -1.90
N GLY A 126 19.33 -24.18 -2.03
CA GLY A 126 19.58 -22.82 -2.47
C GLY A 126 19.56 -21.76 -1.38
N PRO A 127 19.92 -20.52 -1.75
CA PRO A 127 20.00 -19.33 -0.90
C PRO A 127 18.67 -19.01 -0.19
N PHE A 128 17.56 -19.48 -0.71
CA PHE A 128 16.28 -19.15 -0.14
C PHE A 128 15.58 -20.34 0.45
N ALA A 129 16.34 -21.33 0.90
CA ALA A 129 15.79 -22.49 1.63
C ALA A 129 15.38 -22.12 3.05
N ALA A 130 14.52 -22.96 3.64
CA ALA A 130 13.99 -22.69 4.97
C ALA A 130 15.08 -22.80 6.01
N GLY A 131 15.12 -21.82 6.92
CA GLY A 131 16.25 -21.67 7.82
C GLY A 131 17.24 -20.62 7.33
N ARG A 132 17.03 -20.13 6.11
CA ARG A 132 17.90 -19.10 5.50
C ARG A 132 17.07 -17.94 4.94
N TRP A 133 15.76 -18.12 4.90
CA TRP A 133 14.87 -17.16 4.24
C TRP A 133 13.49 -17.27 4.89
N THR A 134 13.10 -16.20 5.59
CA THR A 134 11.82 -16.18 6.28
C THR A 134 10.75 -15.68 5.33
N THR A 135 9.52 -16.16 5.52
CA THR A 135 8.39 -15.78 4.69
C THR A 135 7.27 -15.17 5.53
N ILE A 136 6.45 -14.32 4.93
CA ILE A 136 5.28 -13.77 5.61
C ILE A 136 4.00 -14.21 4.94
N ASP A 137 2.88 -14.15 5.66
CA ASP A 137 1.62 -14.57 5.08
C ASP A 137 0.77 -13.38 4.64
N GLU A 138 -0.45 -13.66 4.21
CA GLU A 138 -1.44 -12.65 3.85
C GLU A 138 -1.60 -11.54 4.85
N GLN A 139 -1.23 -11.81 6.08
CA GLN A 139 -1.55 -10.92 7.19
C GLN A 139 -0.31 -10.21 7.67
N GLY A 140 0.79 -10.38 6.97
CA GLY A 140 2.05 -9.83 7.41
C GLY A 140 2.75 -10.65 8.48
N ASN A 141 2.26 -11.85 8.73
CA ASN A 141 2.85 -12.66 9.79
C ASN A 141 3.82 -13.70 9.24
N PRO A 142 4.79 -14.11 10.07
CA PRO A 142 5.77 -15.11 9.62
C PRO A 142 5.07 -16.39 9.18
N SER A 143 5.50 -16.99 8.08
CA SER A 143 4.92 -18.28 7.67
C SER A 143 5.95 -19.39 7.74
N GLY A 144 7.19 -19.03 8.00
CA GLY A 144 8.27 -20.00 8.04
C GLY A 144 8.31 -20.94 6.86
N GLY A 145 8.76 -20.44 5.70
CA GLY A 145 9.19 -21.32 4.63
C GLY A 145 8.71 -21.05 3.22
N LEU A 146 9.66 -20.79 2.34
CA LEU A 146 9.39 -20.80 0.91
C LEU A 146 8.94 -22.21 0.50
N LYS A 147 7.84 -22.27 -0.26
CA LYS A 147 7.36 -23.53 -0.84
C LYS A 147 7.33 -23.45 -2.37
N ARG A 148 7.51 -24.62 -2.99
CA ARG A 148 7.36 -24.76 -4.44
C ARG A 148 6.85 -26.16 -4.75
N ASN A 149 6.19 -26.30 -5.89
CA ASN A 149 5.74 -27.60 -6.34
C ASN A 149 5.53 -27.61 -7.86
N PHE A 150 6.62 -27.75 -8.62
CA PHE A 150 6.63 -27.61 -10.09
C PHE A 150 5.73 -28.59 -10.84
N GLY A 151 4.86 -28.03 -11.67
CA GLY A 151 4.07 -28.80 -12.62
C GLY A 151 3.10 -29.74 -11.98
N ALA A 152 2.68 -29.45 -10.77
CA ALA A 152 1.91 -30.39 -9.97
C ALA A 152 0.38 -30.22 -10.11
N THR A 153 -0.05 -29.20 -10.83
CA THR A 153 -1.47 -28.96 -10.98
C THR A 153 -1.99 -29.52 -12.30
N LYS A 154 -3.29 -29.76 -12.37
CA LYS A 154 -3.89 -30.23 -13.60
C LYS A 154 -3.95 -29.08 -14.61
N GLU A 155 -4.24 -27.89 -14.10
CA GLU A 155 -4.41 -26.71 -14.96
C GLU A 155 -3.09 -26.09 -15.45
N ALA A 156 -1.98 -26.44 -14.82
CA ALA A 156 -0.67 -25.92 -15.21
C ALA A 156 0.44 -26.97 -15.17
N PRO A 157 0.25 -28.09 -15.88
CA PRO A 157 1.29 -29.13 -15.91
C PRO A 157 2.59 -28.69 -16.57
N THR A 158 2.54 -27.73 -17.49
CA THR A 158 3.75 -27.29 -18.18
C THR A 158 3.87 -25.78 -18.24
N LEU A 159 5.09 -25.32 -18.54
CA LEU A 159 5.34 -23.92 -18.81
C LEU A 159 4.86 -23.51 -20.21
N PRO A 160 4.57 -22.20 -20.38
CA PRO A 160 4.10 -21.68 -21.65
C PRO A 160 5.23 -21.68 -22.68
N THR A 161 4.89 -21.93 -23.94
CA THR A 161 5.87 -22.13 -24.99
C THR A 161 6.23 -20.85 -25.72
N ARG A 162 7.29 -20.96 -26.52
CA ARG A 162 7.69 -19.96 -27.50
C ARG A 162 6.52 -19.53 -28.40
N ASP A 163 5.79 -20.49 -28.96
CA ASP A 163 4.65 -20.15 -29.80
C ASP A 163 3.55 -19.42 -29.04
N ASP A 164 3.45 -19.70 -27.74
CA ASP A 164 2.49 -19.00 -26.92
C ASP A 164 2.89 -17.51 -26.88
N VAL A 165 4.18 -17.26 -26.69
CA VAL A 165 4.66 -15.87 -26.67
C VAL A 165 4.48 -15.19 -28.03
N LEU A 166 4.83 -15.92 -29.10
CA LEU A 166 4.74 -15.42 -30.46
C LEU A 166 3.31 -15.07 -30.90
N ASN A 167 2.32 -15.87 -30.48
CA ASN A 167 0.93 -15.64 -30.84
C ASN A 167 0.27 -14.44 -30.13
N ALA A 168 0.75 -14.14 -28.92
CA ALA A 168 0.28 -12.97 -28.21
C ALA A 168 0.87 -11.69 -28.83
N LEU A 169 2.15 -11.76 -29.19
CA LEU A 169 2.81 -10.57 -29.73
C LEU A 169 2.12 -10.15 -31.01
N LYS A 170 1.45 -11.09 -31.66
CA LYS A 170 0.72 -10.80 -32.88
C LYS A 170 -0.54 -9.98 -32.61
N ILE A 171 -0.94 -9.87 -31.35
CA ILE A 171 -2.14 -9.11 -31.02
C ILE A 171 -1.94 -7.62 -31.29
N THR A 172 -2.99 -7.01 -31.84
CA THR A 172 -2.98 -5.65 -32.38
C THR A 172 -3.38 -4.58 -31.34
N GLN A 173 -4.21 -4.96 -30.39
CA GLN A 173 -4.66 -4.07 -29.33
C GLN A 173 -3.88 -4.27 -28.03
N TYR A 174 -3.47 -3.18 -27.39
CA TYR A 174 -2.91 -3.29 -26.04
C TYR A 174 -3.94 -3.90 -25.11
N ASP A 175 -5.10 -3.27 -25.03
CA ASP A 175 -6.23 -3.81 -24.27
C ASP A 175 -7.54 -3.46 -24.93
N THR A 176 -8.62 -4.10 -24.51
CA THR A 176 -9.94 -3.78 -25.02
C THR A 176 -10.91 -3.74 -23.85
N PRO A 177 -12.04 -3.04 -24.05
CA PRO A 177 -13.08 -3.08 -23.01
C PRO A 177 -13.68 -4.49 -22.98
N PRO A 178 -14.24 -4.92 -21.83
CA PRO A 178 -14.43 -4.08 -20.64
C PRO A 178 -13.24 -4.04 -19.68
N TRP A 179 -12.03 -4.12 -20.21
CA TRP A 179 -10.82 -3.94 -19.39
C TRP A 179 -10.78 -4.88 -18.16
N ASP A 180 -11.05 -6.16 -18.37
CA ASP A 180 -11.05 -7.15 -17.29
C ASP A 180 -10.62 -8.52 -17.83
N MET A 181 -10.68 -9.55 -17.00
CA MET A 181 -10.37 -10.91 -17.45
C MET A 181 -11.36 -11.38 -18.50
N THR A 182 -12.18 -10.46 -19.00
CA THR A 182 -13.19 -10.78 -20.01
C THR A 182 -12.93 -10.01 -21.30
N SER A 183 -11.70 -9.54 -21.48
CA SER A 183 -11.30 -8.79 -22.65
C SER A 183 -10.80 -9.71 -23.77
N GLN A 184 -11.33 -9.51 -24.97
CA GLN A 184 -10.91 -10.31 -26.11
C GLN A 184 -9.96 -9.50 -26.98
N ASN A 185 -9.13 -10.21 -27.75
CA ASN A 185 -8.16 -9.60 -28.64
C ASN A 185 -7.35 -8.56 -27.94
N SER A 186 -7.09 -8.82 -26.68
CA SER A 186 -6.33 -7.91 -25.84
C SER A 186 -4.98 -8.54 -25.54
N PHE A 187 -3.93 -7.87 -25.99
CA PHE A 187 -2.58 -8.32 -25.72
C PHE A 187 -2.35 -8.42 -24.21
N ARG A 188 -2.92 -7.46 -23.48
CA ARG A 188 -2.77 -7.38 -22.03
C ARG A 188 -3.35 -8.62 -21.36
N ASN A 189 -4.60 -8.93 -21.69
CA ASN A 189 -5.28 -10.09 -21.13
C ASN A 189 -4.66 -11.43 -21.52
N GLN A 190 -4.16 -11.55 -22.75
CA GLN A 190 -3.52 -12.77 -23.20
C GLN A 190 -2.22 -12.97 -22.46
N LEU A 191 -1.42 -11.94 -22.36
CA LEU A 191 -0.16 -12.00 -21.64
C LEU A 191 -0.42 -12.32 -20.16
N GLU A 192 -1.27 -11.52 -19.50
CA GLU A 192 -1.63 -11.84 -18.12
C GLU A 192 -1.98 -13.33 -18.02
N GLY A 193 -2.80 -13.80 -18.96
CA GLY A 193 -3.03 -15.23 -19.15
C GLY A 193 -4.42 -15.75 -18.80
N PHE A 194 -5.45 -14.90 -18.90
CA PHE A 194 -6.81 -15.32 -18.55
C PHE A 194 -7.60 -16.01 -19.66
N ILE A 195 -7.27 -15.71 -20.91
CA ILE A 195 -7.89 -16.40 -22.04
C ILE A 195 -7.52 -17.89 -22.11
N ASN A 196 -8.51 -18.76 -21.86
CA ASN A 196 -8.29 -20.19 -21.78
C ASN A 196 -7.22 -20.51 -20.75
N GLY A 197 -7.31 -19.84 -19.60
CA GLY A 197 -6.27 -19.91 -18.60
C GLY A 197 -6.21 -21.21 -17.81
N PRO A 198 -5.14 -21.37 -17.02
CA PRO A 198 -4.08 -20.34 -16.98
C PRO A 198 -3.11 -20.49 -18.16
N GLN A 199 -2.76 -19.38 -18.81
CA GLN A 199 -1.77 -19.40 -19.89
C GLN A 199 -0.71 -18.34 -19.62
N LEU A 200 0.34 -18.31 -20.43
CA LEU A 200 1.42 -17.33 -20.26
C LEU A 200 1.71 -16.94 -18.79
N HIS A 201 1.46 -15.68 -18.38
CA HIS A 201 1.86 -15.24 -17.04
C HIS A 201 1.23 -16.00 -15.86
N ASN A 202 -0.08 -16.16 -15.90
CA ASN A 202 -0.78 -17.00 -14.91
C ASN A 202 -0.26 -18.43 -14.82
N ARG A 203 -0.11 -19.08 -15.98
CA ARG A 203 0.40 -20.43 -16.04
C ARG A 203 1.74 -20.56 -15.30
N VAL A 204 2.65 -19.63 -15.53
CA VAL A 204 3.96 -19.68 -14.86
C VAL A 204 3.80 -19.69 -13.34
N HIS A 205 3.11 -18.70 -12.79
CA HIS A 205 2.78 -18.67 -11.36
C HIS A 205 2.35 -20.03 -10.80
N ARG A 206 1.34 -20.59 -11.47
CA ARG A 206 0.72 -21.82 -11.04
C ARG A 206 1.63 -23.01 -11.27
N TRP A 207 2.50 -22.91 -12.26
CA TRP A 207 3.44 -23.99 -12.53
C TRP A 207 4.44 -24.12 -11.37
N VAL A 208 5.02 -23.00 -10.95
CA VAL A 208 6.00 -23.03 -9.86
C VAL A 208 5.36 -23.57 -8.58
N GLY A 209 4.18 -23.08 -8.22
CA GLY A 209 3.53 -23.55 -7.00
C GLY A 209 3.99 -22.81 -5.75
N GLY A 210 3.54 -23.29 -4.59
CA GLY A 210 3.83 -22.65 -3.31
C GLY A 210 3.25 -21.25 -3.27
N GLN A 211 3.98 -20.34 -2.67
CA GLN A 211 3.62 -18.92 -2.59
C GLN A 211 3.38 -18.27 -3.95
N MET A 212 4.27 -18.55 -4.90
CA MET A 212 4.11 -18.10 -6.24
C MET A 212 2.77 -18.37 -6.84
N GLY A 213 2.08 -19.36 -6.31
CA GLY A 213 0.82 -19.78 -6.91
C GLY A 213 -0.36 -19.08 -6.29
N VAL A 214 -0.11 -18.28 -5.25
CA VAL A 214 -1.15 -17.46 -4.65
C VAL A 214 -0.76 -15.98 -4.70
N VAL A 215 -1.73 -15.14 -5.06
CA VAL A 215 -1.44 -13.74 -5.39
C VAL A 215 -0.78 -12.96 -4.25
N PRO A 216 -1.44 -12.95 -3.08
CA PRO A 216 -1.02 -12.16 -1.92
C PRO A 216 0.26 -12.66 -1.21
N THR A 217 0.95 -13.63 -1.79
CA THR A 217 2.19 -14.12 -1.19
C THR A 217 3.34 -14.29 -2.20
N ALA A 218 3.02 -14.27 -3.49
CA ALA A 218 3.98 -14.63 -4.54
C ALA A 218 5.36 -13.97 -4.47
N PRO A 219 5.41 -12.68 -4.11
CA PRO A 219 6.77 -12.10 -4.12
C PRO A 219 7.68 -12.67 -3.03
N ASN A 220 7.14 -13.51 -2.15
CA ASN A 220 7.97 -14.25 -1.19
C ASN A 220 9.05 -15.04 -1.93
N ASP A 221 8.71 -15.51 -3.13
CA ASP A 221 9.64 -16.24 -3.96
C ASP A 221 10.41 -15.23 -4.80
N PRO A 222 11.74 -15.13 -4.58
CA PRO A 222 12.57 -14.26 -5.41
C PRO A 222 12.35 -14.45 -6.93
N VAL A 223 11.96 -15.66 -7.35
CA VAL A 223 11.70 -15.94 -8.76
C VAL A 223 10.63 -15.02 -9.34
N PHE A 224 9.77 -14.49 -8.46
CA PHE A 224 8.71 -13.57 -8.86
C PHE A 224 9.25 -12.47 -9.76
N PHE A 225 10.43 -11.97 -9.40
CA PHE A 225 11.06 -10.87 -10.12
C PHE A 225 11.71 -11.28 -11.43
N LEU A 226 12.25 -12.48 -11.51
CA LEU A 226 12.75 -12.95 -12.78
C LEU A 226 11.64 -13.24 -13.73
N HIS A 227 10.57 -13.78 -13.20
CA HIS A 227 9.38 -14.05 -14.00
C HIS A 227 8.73 -12.75 -14.52
N HIS A 228 8.54 -11.77 -13.66
CA HIS A 228 7.96 -10.52 -14.14
C HIS A 228 8.91 -9.68 -15.03
N ALA A 229 10.21 -9.97 -14.98
CA ALA A 229 11.12 -9.32 -15.91
C ALA A 229 10.90 -9.83 -17.32
N ASN A 230 10.60 -11.13 -17.46
CA ASN A 230 10.31 -11.66 -18.77
C ASN A 230 9.01 -11.08 -19.33
N VAL A 231 8.01 -10.94 -18.46
CA VAL A 231 6.72 -10.39 -18.84
C VAL A 231 6.91 -8.98 -19.40
N ASP A 232 7.61 -8.16 -18.62
CA ASP A 232 7.94 -6.80 -18.99
C ASP A 232 8.62 -6.75 -20.35
N ARG A 233 9.65 -7.60 -20.49
CA ARG A 233 10.36 -7.79 -21.75
C ARG A 233 9.39 -8.14 -22.87
N ILE A 234 8.51 -9.11 -22.64
CA ILE A 234 7.56 -9.50 -23.69
C ILE A 234 6.77 -8.28 -24.12
N TRP A 235 6.24 -7.54 -23.12
CA TRP A 235 5.47 -6.32 -23.34
C TRP A 235 6.26 -5.28 -24.12
N ALA A 236 7.53 -5.13 -23.79
CA ALA A 236 8.37 -4.16 -24.47
C ALA A 236 8.66 -4.53 -25.95
N VAL A 237 8.71 -5.82 -26.27
CA VAL A 237 8.85 -6.24 -27.66
C VAL A 237 7.60 -5.87 -28.45
N TRP A 238 6.44 -6.05 -27.82
CA TRP A 238 5.16 -5.69 -28.41
C TRP A 238 5.16 -4.20 -28.68
N GLN A 239 5.63 -3.41 -27.73
CA GLN A 239 5.70 -1.97 -27.95
C GLN A 239 6.55 -1.65 -29.16
N ILE A 240 7.62 -2.42 -29.33
CA ILE A 240 8.57 -2.20 -30.41
C ILE A 240 8.01 -2.66 -31.74
N ILE A 241 7.10 -3.63 -31.71
CA ILE A 241 6.54 -4.15 -32.94
C ILE A 241 5.37 -3.28 -33.42
N HIS A 242 4.57 -2.77 -32.50
CA HIS A 242 3.35 -2.07 -32.86
C HIS A 242 3.45 -0.56 -32.59
N ARG A 243 4.24 0.13 -33.41
CA ARG A 243 4.60 1.52 -33.13
C ARG A 243 3.43 2.49 -33.25
N ASN A 244 2.33 2.04 -33.85
CA ASN A 244 1.16 2.90 -33.97
C ASN A 244 0.06 2.57 -32.94
N GLN A 245 0.35 1.63 -32.05
CA GLN A 245 -0.56 1.35 -30.95
C GLN A 245 -0.01 1.92 -29.65
N ASN A 246 -0.91 2.17 -28.71
CA ASN A 246 -0.50 2.65 -27.39
C ASN A 246 -1.40 2.03 -26.32
N TYR A 247 -1.01 2.23 -25.07
CA TYR A 247 -1.74 1.71 -23.93
C TYR A 247 -3.22 2.13 -23.92
N GLN A 248 -4.09 1.20 -23.55
CA GLN A 248 -5.50 1.52 -23.39
C GLN A 248 -5.98 1.01 -22.04
N PRO A 249 -7.02 1.65 -21.47
CA PRO A 249 -7.78 2.81 -21.96
C PRO A 249 -7.07 4.17 -21.74
N MET A 250 -7.30 5.10 -22.65
CA MET A 250 -6.71 6.43 -22.53
C MET A 250 -7.61 7.23 -21.60
N LYS A 251 -8.90 7.02 -21.78
CA LYS A 251 -9.89 7.40 -20.81
C LYS A 251 -11.02 6.48 -20.93
N ASN A 252 -11.93 6.55 -19.99
CA ASN A 252 -13.09 5.65 -19.98
C ASN A 252 -12.92 4.38 -19.16
N GLY A 253 -11.70 4.08 -18.74
CA GLY A 253 -11.46 2.95 -17.86
C GLY A 253 -11.83 3.29 -16.42
N PRO A 254 -11.90 2.29 -15.55
CA PRO A 254 -12.20 2.65 -14.15
C PRO A 254 -11.01 3.41 -13.62
N PHE A 255 -11.19 4.20 -12.56
CA PHE A 255 -10.09 4.92 -11.95
C PHE A 255 -8.93 3.98 -11.56
N GLY A 256 -7.73 4.25 -12.05
CA GLY A 256 -6.59 3.42 -11.73
C GLY A 256 -6.15 2.54 -12.88
N GLN A 257 -6.97 2.47 -13.92
CA GLN A 257 -6.64 1.69 -15.12
C GLN A 257 -6.36 2.63 -16.30
N ASN A 258 -6.77 3.89 -16.17
CA ASN A 258 -6.52 4.85 -17.24
C ASN A 258 -5.09 5.33 -17.30
N PHE A 259 -4.70 5.75 -18.49
CA PHE A 259 -3.35 6.09 -18.87
C PHE A 259 -2.67 7.05 -17.87
N ARG A 260 -3.44 8.01 -17.38
CA ARG A 260 -2.90 9.05 -16.50
C ARG A 260 -3.56 9.00 -15.12
N ASP A 261 -4.17 7.86 -14.81
CA ASP A 261 -4.59 7.57 -13.43
C ASP A 261 -3.39 7.10 -12.61
N PRO A 262 -3.37 7.44 -11.31
CA PRO A 262 -2.34 6.93 -10.39
C PRO A 262 -2.53 5.44 -10.15
N MET A 263 -1.44 4.67 -10.08
CA MET A 263 -1.55 3.25 -9.78
C MET A 263 -1.33 2.97 -8.29
N TYR A 264 -2.37 2.60 -7.57
CA TYR A 264 -2.16 2.20 -6.21
C TYR A 264 -1.14 1.05 -6.15
N PRO A 265 -0.21 1.10 -5.19
CA PRO A 265 -0.22 1.98 -4.02
C PRO A 265 0.61 3.26 -4.18
N TRP A 266 0.98 3.60 -5.40
CA TRP A 266 1.81 4.77 -5.64
C TRP A 266 1.05 5.89 -6.38
N ASN A 267 1.77 6.94 -6.76
CA ASN A 267 1.23 7.98 -7.66
C ASN A 267 1.62 7.80 -9.14
N THR A 268 2.67 7.02 -9.41
CA THR A 268 3.05 6.69 -10.78
C THR A 268 1.81 6.35 -11.63
N THR A 269 1.83 6.76 -12.89
CA THR A 269 0.79 6.40 -13.85
C THR A 269 1.38 5.49 -14.94
N PRO A 270 0.51 4.79 -15.66
CA PRO A 270 0.91 4.07 -16.88
C PRO A 270 1.74 4.96 -17.81
N GLU A 271 1.36 6.22 -17.91
CA GLU A 271 2.12 7.16 -18.73
C GLU A 271 3.58 7.27 -18.29
N ASP A 272 3.81 7.39 -16.99
CA ASP A 272 5.16 7.60 -16.48
C ASP A 272 6.09 6.48 -16.87
N VAL A 273 5.54 5.35 -17.29
CA VAL A 273 6.33 4.15 -17.52
C VAL A 273 6.17 3.54 -18.92
N MET A 274 5.38 4.17 -19.78
CA MET A 274 5.18 3.69 -21.16
C MET A 274 6.46 3.46 -21.91
N ASN A 275 7.46 4.30 -21.70
CA ASN A 275 8.74 4.09 -22.34
C ASN A 275 9.75 3.43 -21.41
N HIS A 276 10.12 2.19 -21.70
CA HIS A 276 11.01 1.49 -20.80
C HIS A 276 12.44 2.00 -20.87
N ARG A 277 12.90 2.39 -22.05
CA ARG A 277 14.23 2.98 -22.19
C ARG A 277 14.38 4.31 -21.45
N LYS A 278 13.29 5.07 -21.38
CA LYS A 278 13.24 6.33 -20.66
C LYS A 278 13.38 6.11 -19.15
N LEU A 279 13.13 4.88 -18.70
CA LEU A 279 13.34 4.50 -17.29
C LEU A 279 14.78 4.11 -16.98
N GLY A 280 15.58 3.88 -18.03
CA GLY A 280 17.01 3.69 -17.87
C GLY A 280 17.58 2.28 -18.06
N TYR A 281 16.82 1.39 -18.68
CA TYR A 281 17.33 0.06 -18.96
C TYR A 281 16.81 -0.46 -20.31
N VAL A 282 17.45 -1.50 -20.81
CA VAL A 282 16.97 -2.20 -21.99
C VAL A 282 17.19 -3.68 -21.75
N TYR A 283 16.64 -4.51 -22.61
CA TYR A 283 16.85 -5.95 -22.50
C TYR A 283 17.95 -6.37 -23.46
N ASP A 284 18.74 -7.37 -23.06
CA ASP A 284 19.91 -7.78 -23.85
C ASP A 284 19.58 -8.07 -25.32
N ILE A 285 18.39 -8.58 -25.59
CA ILE A 285 17.99 -8.92 -26.94
C ILE A 285 17.92 -7.70 -27.89
N GLU A 286 17.92 -6.51 -27.32
CA GLU A 286 17.82 -5.31 -28.14
C GLU A 286 19.18 -4.86 -28.65
N LEU A 287 20.25 -5.51 -28.20
CA LEU A 287 21.60 -5.05 -28.55
C LEU A 287 22.41 -6.01 -29.44
N LYS B 1 3.39 27.72 5.58
CA LYS B 1 3.05 28.86 6.37
C LYS B 1 1.88 29.55 5.74
N TYR B 2 1.38 28.97 4.66
CA TYR B 2 0.26 29.53 3.91
C TYR B 2 -1.11 28.90 4.12
N ARG B 3 -1.21 27.59 3.90
CA ARG B 3 -2.48 26.90 4.06
C ARG B 3 -2.78 26.95 5.51
N VAL B 4 -3.86 27.61 5.86
CA VAL B 4 -4.30 27.70 7.26
C VAL B 4 -5.38 26.64 7.59
N ARG B 5 -5.05 25.74 8.51
CA ARG B 5 -5.99 24.69 8.94
C ARG B 5 -6.78 25.16 10.18
N LYS B 6 -8.11 25.18 10.07
CA LYS B 6 -8.96 25.80 11.10
C LYS B 6 -9.81 24.86 11.96
N ASN B 7 -10.09 25.32 13.17
CA ASN B 7 -11.03 24.66 14.06
C ASN B 7 -12.38 24.51 13.39
N VAL B 8 -12.90 23.30 13.29
CA VAL B 8 -14.18 23.06 12.62
C VAL B 8 -15.31 24.01 13.06
N LEU B 9 -15.17 24.57 14.26
CA LEU B 9 -16.16 25.43 14.86
C LEU B 9 -15.95 26.89 14.52
N HIS B 10 -14.84 27.23 13.89
CA HIS B 10 -14.63 28.59 13.42
C HIS B 10 -14.80 28.70 11.94
N LEU B 11 -15.14 27.61 11.32
CA LEU B 11 -15.39 27.63 9.90
C LEU B 11 -16.68 28.39 9.65
N THR B 12 -16.72 29.10 8.54
CA THR B 12 -17.95 29.69 8.04
C THR B 12 -18.72 28.59 7.32
N ASP B 13 -20.01 28.81 7.12
CA ASP B 13 -20.85 27.92 6.33
C ASP B 13 -20.30 27.61 4.95
N THR B 14 -19.65 28.61 4.35
CA THR B 14 -19.05 28.46 3.02
C THR B 14 -17.87 27.49 3.04
N GLU B 15 -17.06 27.59 4.11
CA GLU B 15 -15.92 26.73 4.31
C GLU B 15 -16.40 25.31 4.51
N LYS B 16 -17.50 25.15 5.24
CA LYS B 16 -18.07 23.83 5.46
C LYS B 16 -18.60 23.18 4.16
N ARG B 17 -19.50 23.87 3.47
CA ARG B 17 -19.96 23.44 2.16
C ARG B 17 -18.83 22.98 1.27
N ASP B 18 -17.80 23.77 1.21
CA ASP B 18 -16.73 23.55 0.25
C ASP B 18 -15.79 22.41 0.66
N PHE B 19 -15.64 22.19 1.97
CA PHE B 19 -14.81 21.07 2.40
C PHE B 19 -15.53 19.76 2.13
N VAL B 20 -16.79 19.68 2.55
CA VAL B 20 -17.61 18.50 2.30
C VAL B 20 -17.63 18.18 0.81
N ARG B 21 -17.79 19.19 0.01
CA ARG B 21 -17.98 19.05 -1.39
C ARG B 21 -16.74 18.54 -2.06
N THR B 22 -15.61 18.99 -1.55
CA THR B 22 -14.36 18.53 -2.10
C THR B 22 -14.16 17.08 -1.72
N VAL B 23 -14.48 16.77 -0.48
CA VAL B 23 -14.37 15.40 -0.02
C VAL B 23 -15.19 14.45 -0.89
N LEU B 24 -16.43 14.82 -1.19
CA LEU B 24 -17.28 14.03 -2.07
C LEU B 24 -16.72 13.91 -3.50
N ILE B 25 -16.03 14.94 -3.99
CA ILE B 25 -15.43 14.88 -5.32
C ILE B 25 -14.30 13.84 -5.37
N LEU B 26 -13.48 13.83 -4.34
CA LEU B 26 -12.43 12.86 -4.17
C LEU B 26 -13.00 11.47 -4.12
N LYS B 27 -14.08 11.30 -3.39
CA LYS B 27 -14.80 10.04 -3.32
C LYS B 27 -15.21 9.57 -4.72
N GLU B 28 -15.95 10.42 -5.43
CA GLU B 28 -16.45 10.10 -6.77
C GLU B 28 -15.37 9.78 -7.81
N LYS B 29 -14.26 10.47 -7.75
CA LYS B 29 -13.17 10.19 -8.66
C LYS B 29 -12.55 8.84 -8.40
N GLY B 30 -12.53 8.46 -7.14
CA GLY B 30 -11.95 7.19 -6.76
C GLY B 30 -10.70 7.34 -5.93
N ILE B 31 -10.31 8.57 -5.66
CA ILE B 31 -9.07 8.83 -4.94
C ILE B 31 -9.18 8.69 -3.44
N TYR B 32 -10.36 8.92 -2.92
CA TYR B 32 -10.58 8.81 -1.48
C TYR B 32 -10.26 7.40 -0.98
N ASP B 33 -10.49 6.41 -1.83
CA ASP B 33 -10.31 5.01 -1.47
C ASP B 33 -8.85 4.60 -1.32
N ARG B 34 -7.96 5.28 -2.00
CA ARG B 34 -6.52 5.04 -1.84
C ARG B 34 -6.14 5.17 -0.37
N TYR B 35 -6.83 6.09 0.32
CA TYR B 35 -6.55 6.41 1.73
C TYR B 35 -7.04 5.33 2.74
N ILE B 36 -8.25 4.85 2.51
CA ILE B 36 -8.71 3.72 3.30
C ILE B 36 -7.72 2.59 3.08
N ALA B 37 -7.40 2.32 1.82
CA ALA B 37 -6.53 1.19 1.49
C ALA B 37 -5.16 1.35 2.15
N TRP B 38 -4.54 2.50 1.93
CA TRP B 38 -3.24 2.83 2.54
C TRP B 38 -3.22 2.54 4.03
N HIS B 39 -4.25 3.01 4.74
CA HIS B 39 -4.32 2.83 6.19
C HIS B 39 -4.55 1.38 6.63
N GLY B 40 -5.46 0.68 5.94
CA GLY B 40 -5.59 -0.75 6.13
C GLY B 40 -4.26 -1.45 5.86
N ALA B 41 -3.65 -1.16 4.71
CA ALA B 41 -2.39 -1.79 4.32
C ALA B 41 -1.28 -1.68 5.38
N ALA B 42 -1.00 -0.46 5.85
CA ALA B 42 0.04 -0.27 6.86
C ALA B 42 -0.29 -0.98 8.17
N GLY B 43 -1.58 -1.20 8.39
CA GLY B 43 -2.07 -1.89 9.56
C GLY B 43 -1.58 -3.31 9.71
N LYS B 44 -1.40 -3.99 8.59
CA LYS B 44 -0.91 -5.33 8.61
C LYS B 44 0.53 -5.41 8.19
N PHE B 45 1.22 -4.29 8.27
CA PHE B 45 2.65 -4.28 7.98
C PHE B 45 3.44 -4.21 9.29
N HIS B 46 4.00 -5.35 9.68
CA HIS B 46 4.65 -5.47 10.99
C HIS B 46 6.10 -5.06 10.98
N THR B 47 6.47 -4.26 11.97
CA THR B 47 7.82 -3.72 12.07
C THR B 47 8.53 -4.17 13.36
N PRO B 48 9.12 -5.38 13.35
CA PRO B 48 9.26 -6.31 12.24
C PRO B 48 8.22 -7.43 12.29
N PRO B 49 8.24 -8.33 11.30
CA PRO B 49 7.36 -9.50 11.35
C PRO B 49 7.65 -10.30 12.61
N GLY B 50 6.61 -10.62 13.38
CA GLY B 50 6.76 -11.32 14.64
C GLY B 50 6.55 -10.35 15.78
N SER B 51 6.15 -9.14 15.41
CA SER B 51 6.12 -8.04 16.36
C SER B 51 4.69 -7.56 16.56
N ASP B 52 4.49 -6.77 17.60
CA ASP B 52 3.21 -6.08 17.87
C ASP B 52 3.08 -4.74 17.12
N ARG B 53 4.21 -4.22 16.64
CA ARG B 53 4.24 -2.98 15.88
C ARG B 53 3.81 -3.13 14.42
N ASN B 54 3.13 -2.11 13.89
CA ASN B 54 2.88 -2.00 12.46
C ASN B 54 3.26 -0.60 11.97
N ALA B 55 3.21 -0.35 10.66
CA ALA B 55 3.77 0.87 10.06
C ALA B 55 3.08 2.16 10.51
N ALA B 56 1.78 2.09 10.78
CA ALA B 56 1.00 3.27 11.12
C ALA B 56 0.66 3.39 12.60
N HIS B 57 0.84 2.32 13.36
CA HIS B 57 0.33 2.26 14.73
C HIS B 57 1.26 1.53 15.69
N MET B 58 1.02 1.77 16.97
CA MET B 58 1.65 1.06 18.09
C MET B 58 3.17 1.10 18.02
N SER B 59 3.69 2.27 17.69
CA SER B 59 5.11 2.48 17.53
C SER B 59 5.38 3.92 17.21
N SER B 60 6.65 4.29 17.05
CA SER B 60 7.07 5.68 16.94
C SER B 60 6.51 6.38 15.69
N ALA B 61 6.39 5.64 14.59
CA ALA B 61 6.02 6.24 13.31
C ALA B 61 4.56 6.64 13.25
N PHE B 62 3.79 6.20 14.23
CA PHE B 62 2.39 6.59 14.38
C PHE B 62 2.05 8.07 13.99
N LEU B 63 2.84 9.01 14.49
CA LEU B 63 2.58 10.42 14.22
C LEU B 63 3.04 10.92 12.84
N PRO B 64 4.32 10.69 12.48
CA PRO B 64 4.77 11.10 11.15
C PRO B 64 4.04 10.39 10.02
N TRP B 65 3.53 9.20 10.28
CA TRP B 65 2.75 8.47 9.28
C TRP B 65 1.43 9.18 9.02
N HIS B 66 0.68 9.45 10.09
CA HIS B 66 -0.58 10.16 9.96
C HIS B 66 -0.39 11.59 9.48
N ARG B 67 0.70 12.24 9.87
CA ARG B 67 1.01 13.56 9.33
C ARG B 67 1.13 13.46 7.81
N GLU B 68 1.89 12.47 7.36
CA GLU B 68 2.10 12.24 5.95
C GLU B 68 0.81 11.92 5.24
N TYR B 69 0.00 11.10 5.90
CA TYR B 69 -1.29 10.71 5.37
C TYR B 69 -2.08 11.99 5.06
N LEU B 70 -2.17 12.85 6.08
CA LEU B 70 -3.02 14.04 6.04
C LEU B 70 -2.51 15.07 5.05
N LEU B 71 -1.19 15.15 4.92
CA LEU B 71 -0.62 16.04 3.93
C LEU B 71 -1.09 15.65 2.53
N ARG B 72 -0.92 14.37 2.20
CA ARG B 72 -1.33 13.85 0.90
C ARG B 72 -2.81 14.13 0.66
N PHE B 73 -3.63 13.89 1.68
CA PHE B 73 -5.05 14.14 1.59
C PHE B 73 -5.38 15.63 1.32
N GLU B 74 -4.74 16.52 2.06
CA GLU B 74 -4.99 17.93 1.87
C GLU B 74 -4.60 18.36 0.44
N ARG B 75 -3.47 17.86 -0.05
CA ARG B 75 -2.97 18.20 -1.36
C ARG B 75 -3.83 17.67 -2.47
N ASP B 76 -4.51 16.57 -2.21
CA ASP B 76 -5.52 16.06 -3.13
C ASP B 76 -6.75 16.99 -3.15
N LEU B 77 -7.23 17.36 -1.97
CA LEU B 77 -8.32 18.34 -1.88
C LEU B 77 -7.95 19.55 -2.71
N GLN B 78 -6.70 19.99 -2.53
CA GLN B 78 -6.21 21.21 -3.15
C GLN B 78 -6.32 21.16 -4.66
N SER B 79 -5.85 20.06 -5.23
CA SER B 79 -5.92 19.86 -6.67
C SER B 79 -7.34 20.09 -7.16
N ILE B 80 -8.32 19.83 -6.30
CA ILE B 80 -9.71 20.08 -6.69
C ILE B 80 -10.02 21.57 -6.54
N ASN B 81 -9.83 22.07 -5.32
CA ASN B 81 -10.06 23.47 -4.99
C ASN B 81 -8.89 24.00 -4.17
N PRO B 82 -8.14 24.92 -4.75
CA PRO B 82 -6.92 25.41 -4.09
C PRO B 82 -7.21 26.26 -2.86
N GLU B 83 -8.49 26.53 -2.61
CA GLU B 83 -8.86 27.30 -1.42
C GLU B 83 -9.01 26.42 -0.18
N VAL B 84 -9.57 25.23 -0.35
CA VAL B 84 -9.90 24.32 0.75
C VAL B 84 -8.68 23.69 1.50
N THR B 85 -8.71 23.76 2.83
CA THR B 85 -7.70 23.11 3.68
C THR B 85 -8.34 22.09 4.63
N LEU B 86 -7.53 21.43 5.43
CA LEU B 86 -8.04 20.51 6.42
C LEU B 86 -8.42 21.15 7.73
N PRO B 87 -9.69 21.05 8.09
CA PRO B 87 -10.06 21.50 9.43
C PRO B 87 -9.69 20.44 10.49
N TYR B 88 -9.59 20.85 11.75
CA TYR B 88 -9.35 19.90 12.82
C TYR B 88 -10.53 19.89 13.77
N TRP B 89 -10.74 18.76 14.42
CA TRP B 89 -11.78 18.63 15.38
C TRP B 89 -11.21 18.68 16.77
N GLU B 90 -11.42 19.79 17.43
CA GLU B 90 -11.04 19.98 18.82
C GLU B 90 -12.00 19.23 19.74
N TRP B 91 -11.83 17.91 19.84
CA TRP B 91 -12.70 17.09 20.68
C TRP B 91 -12.62 17.35 22.19
N GLU B 92 -11.46 17.83 22.67
CA GLU B 92 -11.32 18.12 24.10
C GLU B 92 -12.27 19.19 24.64
N THR B 93 -12.70 20.14 23.81
CA THR B 93 -13.66 21.12 24.31
C THR B 93 -15.06 20.57 24.11
N ASP B 94 -15.23 19.66 23.16
CA ASP B 94 -16.50 18.96 22.99
C ASP B 94 -16.72 18.03 24.20
N ALA B 95 -15.62 17.72 24.88
CA ALA B 95 -15.68 16.89 26.08
C ALA B 95 -16.41 17.62 27.21
N GLN B 96 -16.39 18.94 27.18
CA GLN B 96 -17.00 19.74 28.21
C GLN B 96 -18.50 19.83 28.13
N MET B 97 -19.09 19.27 27.09
CA MET B 97 -20.54 19.37 26.88
C MET B 97 -21.31 18.31 27.63
N GLN B 98 -22.58 18.58 27.91
CA GLN B 98 -23.49 17.60 28.48
C GLN B 98 -23.63 16.51 27.49
N ASP B 99 -24.04 16.88 26.30
CA ASP B 99 -24.18 15.90 25.23
C ASP B 99 -23.30 16.28 24.05
N PRO B 100 -22.08 15.72 23.99
CA PRO B 100 -21.09 16.05 22.97
C PRO B 100 -21.64 15.86 21.55
N SER B 101 -22.60 14.96 21.41
CA SER B 101 -23.25 14.70 20.13
C SER B 101 -24.01 15.91 19.55
N GLN B 102 -24.15 16.97 20.35
CA GLN B 102 -24.81 18.21 19.91
C GLN B 102 -23.82 19.28 19.39
N SER B 103 -22.53 18.96 19.45
CA SER B 103 -21.52 19.76 18.76
C SER B 103 -21.90 19.97 17.28
N GLN B 104 -21.60 21.16 16.77
CA GLN B 104 -21.97 21.52 15.42
C GLN B 104 -21.22 20.69 14.39
N ILE B 105 -20.16 20.00 14.82
CA ILE B 105 -19.40 19.14 13.93
C ILE B 105 -20.31 18.04 13.36
N TRP B 106 -21.34 17.68 14.12
CA TRP B 106 -22.27 16.63 13.70
C TRP B 106 -23.55 17.20 13.12
N SER B 107 -23.50 18.42 12.60
CA SER B 107 -24.66 18.98 11.90
C SER B 107 -24.80 18.35 10.51
N ALA B 108 -26.01 18.37 9.98
CA ALA B 108 -26.29 17.75 8.69
C ALA B 108 -25.62 18.49 7.53
N ASP B 109 -25.15 19.70 7.82
CA ASP B 109 -24.43 20.48 6.83
C ASP B 109 -22.96 20.09 6.81
N PHE B 110 -22.54 19.28 7.78
CA PHE B 110 -21.13 18.90 7.87
C PHE B 110 -20.90 17.39 7.92
N MET B 111 -20.68 16.84 9.11
CA MET B 111 -20.40 15.42 9.25
C MET B 111 -21.67 14.55 9.31
N GLY B 112 -22.79 15.15 9.68
CA GLY B 112 -24.00 14.38 9.94
C GLY B 112 -23.99 13.82 11.35
N GLY B 113 -25.03 13.08 11.72
CA GLY B 113 -25.20 12.70 13.11
C GLY B 113 -24.70 11.32 13.58
N ASN B 114 -25.14 10.95 14.78
CA ASN B 114 -24.82 9.64 15.35
C ASN B 114 -25.61 8.60 14.59
N GLY B 115 -25.14 7.35 14.61
CA GLY B 115 -25.84 6.28 13.93
C GLY B 115 -27.24 6.15 14.48
N ASN B 116 -28.16 5.69 13.65
CA ASN B 116 -29.54 5.47 14.10
C ASN B 116 -29.72 4.07 14.66
N PRO B 117 -30.03 3.97 15.95
CA PRO B 117 -30.33 2.69 16.58
C PRO B 117 -31.32 1.87 15.75
N ILE B 118 -32.44 2.48 15.37
CA ILE B 118 -33.47 1.79 14.62
C ILE B 118 -32.92 1.15 13.34
N LYS B 119 -31.76 1.61 12.91
CA LYS B 119 -31.21 1.11 11.67
C LYS B 119 -29.88 0.47 11.83
N ASP B 120 -29.63 -0.02 13.03
CA ASP B 120 -28.35 -0.65 13.35
C ASP B 120 -27.21 0.36 13.35
N PHE B 121 -27.49 1.56 13.86
CA PHE B 121 -26.50 2.62 14.01
C PHE B 121 -25.81 3.05 12.71
N ILE B 122 -26.52 2.93 11.60
CA ILE B 122 -26.10 3.51 10.34
C ILE B 122 -26.39 5.00 10.36
N VAL B 123 -25.45 5.80 9.85
CA VAL B 123 -25.62 7.24 9.82
C VAL B 123 -26.61 7.63 8.71
N ASP B 124 -27.66 8.34 9.07
CA ASP B 124 -28.73 8.63 8.12
C ASP B 124 -28.99 10.13 8.00
N THR B 125 -28.12 10.93 8.58
CA THR B 125 -28.17 12.38 8.41
C THR B 125 -26.84 12.88 7.84
N GLY B 126 -26.89 14.02 7.15
CA GLY B 126 -25.70 14.61 6.57
C GLY B 126 -25.48 14.18 5.13
N PRO B 127 -24.34 14.58 4.56
CA PRO B 127 -24.00 14.23 3.17
C PRO B 127 -23.33 12.87 3.08
N PHE B 128 -22.77 12.40 4.18
CA PHE B 128 -22.08 11.11 4.23
C PHE B 128 -23.03 10.00 4.67
N ALA B 129 -24.34 10.24 4.53
CA ALA B 129 -25.34 9.27 4.92
C ALA B 129 -25.35 8.08 3.98
N ALA B 130 -25.87 6.96 4.46
CA ALA B 130 -26.10 5.79 3.64
C ALA B 130 -26.94 6.13 2.40
N GLY B 131 -26.45 5.71 1.23
CA GLY B 131 -27.08 6.08 -0.01
C GLY B 131 -26.33 7.24 -0.63
N ARG B 132 -25.66 8.01 0.21
CA ARG B 132 -24.89 9.17 -0.26
C ARG B 132 -23.40 8.89 -0.23
N TRP B 133 -23.02 7.81 0.44
CA TRP B 133 -21.63 7.55 0.76
C TRP B 133 -21.37 6.07 0.90
N THR B 134 -20.55 5.52 0.02
CA THR B 134 -20.25 4.08 -0.04
C THR B 134 -19.13 3.71 0.90
N THR B 135 -19.30 2.65 1.64
CA THR B 135 -18.23 2.22 2.53
C THR B 135 -17.53 0.99 1.96
N ILE B 136 -16.27 0.86 2.31
CA ILE B 136 -15.41 -0.22 1.86
C ILE B 136 -15.00 -1.10 3.07
N ASP B 137 -14.99 -2.41 2.90
CA ASP B 137 -14.61 -3.26 4.01
C ASP B 137 -13.13 -3.61 3.98
N GLU B 138 -12.74 -4.53 4.85
CA GLU B 138 -11.33 -4.81 5.03
C GLU B 138 -10.71 -5.48 3.80
N GLN B 139 -11.54 -6.08 2.98
CA GLN B 139 -11.08 -6.76 1.79
C GLN B 139 -11.16 -5.86 0.59
N GLY B 140 -11.53 -4.63 0.83
CA GLY B 140 -11.67 -3.65 -0.22
C GLY B 140 -12.96 -3.81 -0.99
N ASN B 141 -13.99 -4.33 -0.31
CA ASN B 141 -15.31 -4.48 -0.93
C ASN B 141 -16.40 -3.61 -0.29
N PRO B 142 -17.35 -3.14 -1.11
CA PRO B 142 -18.46 -2.27 -0.69
C PRO B 142 -19.21 -2.90 0.47
N SER B 143 -19.38 -2.14 1.55
CA SER B 143 -19.90 -2.68 2.79
C SER B 143 -21.31 -2.22 3.11
N GLY B 144 -21.78 -1.19 2.43
CA GLY B 144 -23.13 -0.75 2.66
C GLY B 144 -23.44 0.22 3.80
N GLY B 145 -22.60 1.24 4.00
CA GLY B 145 -22.99 2.34 4.87
C GLY B 145 -22.13 2.69 6.07
N LEU B 146 -21.97 4.00 6.29
CA LEU B 146 -21.26 4.53 7.43
C LEU B 146 -22.02 4.27 8.73
N LYS B 147 -21.31 3.81 9.73
CA LYS B 147 -21.91 3.59 11.03
C LYS B 147 -21.28 4.43 12.12
N ARG B 148 -22.10 4.78 13.11
CA ARG B 148 -21.59 5.47 14.29
C ARG B 148 -22.40 5.11 15.52
N ASN B 149 -21.74 5.12 16.68
CA ASN B 149 -22.45 4.87 17.94
C ASN B 149 -21.75 5.54 19.13
N PHE B 150 -21.93 6.86 19.26
CA PHE B 150 -21.19 7.63 20.27
C PHE B 150 -21.32 7.08 21.71
N GLY B 151 -20.16 6.84 22.33
CA GLY B 151 -20.08 6.42 23.72
C GLY B 151 -20.74 5.09 24.09
N ALA B 152 -20.79 4.15 23.16
CA ALA B 152 -21.48 2.86 23.38
C ALA B 152 -20.64 1.80 24.12
N THR B 153 -19.33 1.91 24.02
CA THR B 153 -18.45 1.07 24.78
C THR B 153 -18.30 1.44 26.23
N LYS B 154 -17.98 0.44 27.03
CA LYS B 154 -17.79 0.67 28.44
C LYS B 154 -16.45 1.34 28.74
N GLU B 155 -15.45 1.05 27.91
CA GLU B 155 -14.13 1.65 28.07
C GLU B 155 -14.05 3.09 27.57
N ALA B 156 -14.89 3.44 26.62
CA ALA B 156 -14.84 4.75 25.98
C ALA B 156 -16.21 5.41 25.91
N PRO B 157 -16.79 5.70 27.08
CA PRO B 157 -18.09 6.38 27.16
C PRO B 157 -17.97 7.88 26.98
N THR B 158 -16.77 8.43 27.20
CA THR B 158 -16.53 9.87 27.05
C THR B 158 -15.30 10.19 26.21
N LEU B 159 -15.20 11.44 25.79
CA LEU B 159 -14.06 11.90 25.01
C LEU B 159 -12.90 12.29 25.92
N PRO B 160 -11.69 12.41 25.36
CA PRO B 160 -10.56 12.92 26.13
C PRO B 160 -10.89 14.32 26.62
N THR B 161 -10.31 14.74 27.73
CA THR B 161 -10.60 16.08 28.25
C THR B 161 -9.41 17.00 28.06
N ARG B 162 -9.57 18.27 28.34
CA ARG B 162 -8.50 19.23 28.18
C ARG B 162 -7.34 18.92 29.09
N ASP B 163 -7.68 18.33 30.21
CA ASP B 163 -6.73 17.98 31.20
C ASP B 163 -5.88 16.77 30.72
N ASP B 164 -6.45 15.82 30.01
CA ASP B 164 -5.72 14.74 29.32
C ASP B 164 -4.70 15.28 28.33
N VAL B 165 -5.06 16.35 27.62
CA VAL B 165 -4.17 16.96 26.64
C VAL B 165 -2.98 17.67 27.30
N LEU B 166 -3.24 18.52 28.27
CA LEU B 166 -2.20 19.19 29.02
C LEU B 166 -1.23 18.23 29.64
N ASN B 167 -1.74 17.06 29.93
CA ASN B 167 -1.02 16.01 30.58
C ASN B 167 -0.09 15.26 29.67
N ALA B 168 -0.49 15.04 28.44
CA ALA B 168 0.40 14.45 27.45
C ALA B 168 1.43 15.49 27.07
N LEU B 169 1.00 16.75 27.13
CA LEU B 169 1.83 17.85 26.66
C LEU B 169 3.00 18.08 27.58
N LYS B 170 2.93 17.48 28.76
CA LYS B 170 4.00 17.58 29.72
C LYS B 170 5.08 16.59 29.51
N ILE B 171 4.81 15.53 28.77
CA ILE B 171 5.84 14.53 28.48
C ILE B 171 6.92 15.16 27.63
N THR B 172 8.17 14.97 28.03
CA THR B 172 9.30 15.58 27.35
C THR B 172 9.92 14.67 26.28
N GLN B 173 9.86 13.37 26.49
CA GLN B 173 10.39 12.44 25.49
C GLN B 173 9.35 12.14 24.43
N TYR B 174 9.78 12.06 23.18
CA TYR B 174 8.87 11.71 22.10
C TYR B 174 8.44 10.26 22.22
N ASP B 175 9.42 9.38 22.40
CA ASP B 175 9.15 7.96 22.60
C ASP B 175 10.36 7.30 23.26
N THR B 176 10.15 6.08 23.74
CA THR B 176 11.16 5.36 24.49
C THR B 176 11.11 3.90 24.06
N PRO B 177 12.21 3.17 24.27
CA PRO B 177 12.19 1.72 24.07
C PRO B 177 11.05 1.12 24.89
N PRO B 178 10.48 0.03 24.41
CA PRO B 178 10.94 -0.60 23.17
C PRO B 178 10.30 -0.02 21.93
N TRP B 179 9.63 1.13 22.04
CA TRP B 179 9.02 1.73 20.85
C TRP B 179 7.73 1.03 20.49
N ASP B 180 6.93 0.70 21.51
CA ASP B 180 5.69 -0.02 21.27
C ASP B 180 4.57 0.45 22.19
N MET B 181 3.52 -0.35 22.27
CA MET B 181 2.37 -0.03 23.12
C MET B 181 2.73 -0.07 24.60
N THR B 182 3.95 -0.49 24.90
CA THR B 182 4.39 -0.57 26.29
C THR B 182 5.27 0.58 26.73
N SER B 183 5.73 1.38 25.77
CA SER B 183 6.67 2.47 26.06
C SER B 183 6.13 3.38 27.15
N GLN B 184 6.96 3.60 28.17
CA GLN B 184 6.57 4.47 29.27
C GLN B 184 7.27 5.82 29.15
N ASN B 185 6.65 6.85 29.74
CA ASN B 185 7.11 8.23 29.60
C ASN B 185 7.34 8.61 28.14
N SER B 186 6.41 8.21 27.28
CA SER B 186 6.50 8.52 25.85
C SER B 186 5.36 9.43 25.43
N PHE B 187 5.69 10.52 24.76
CA PHE B 187 4.64 11.41 24.28
C PHE B 187 3.85 10.73 23.18
N ARG B 188 4.57 10.09 22.26
CA ARG B 188 3.99 9.29 21.19
C ARG B 188 3.02 8.24 21.75
N ASN B 189 3.48 7.41 22.68
CA ASN B 189 2.58 6.40 23.25
C ASN B 189 1.41 7.00 24.03
N GLN B 190 1.64 8.10 24.73
CA GLN B 190 0.58 8.76 25.48
C GLN B 190 -0.46 9.40 24.55
N LEU B 191 0.00 10.13 23.53
CA LEU B 191 -0.94 10.73 22.61
C LEU B 191 -1.73 9.64 21.90
N GLU B 192 -1.03 8.57 21.49
CA GLU B 192 -1.68 7.51 20.72
C GLU B 192 -2.81 6.89 21.52
N GLY B 193 -2.57 6.70 22.82
CA GLY B 193 -3.61 6.29 23.74
C GLY B 193 -3.44 5.01 24.57
N PHE B 194 -2.25 4.43 24.55
CA PHE B 194 -2.00 3.14 25.21
C PHE B 194 -1.61 3.19 26.69
N ILE B 195 -1.15 4.33 27.16
CA ILE B 195 -0.80 4.49 28.56
C ILE B 195 -2.04 4.67 29.46
N ASN B 196 -2.46 3.58 30.10
CA ASN B 196 -3.72 3.54 30.80
C ASN B 196 -4.87 3.59 29.79
N GLY B 197 -4.72 2.83 28.72
CA GLY B 197 -5.68 2.87 27.62
C GLY B 197 -7.13 2.58 28.00
N PRO B 198 -8.07 3.00 27.15
CA PRO B 198 -7.79 3.85 25.98
C PRO B 198 -7.89 5.34 26.30
N GLN B 199 -6.85 6.09 25.99
CA GLN B 199 -6.85 7.54 26.16
C GLN B 199 -6.76 8.24 24.82
N LEU B 200 -7.03 9.56 24.83
CA LEU B 200 -6.84 10.46 23.69
C LEU B 200 -7.23 9.82 22.35
N HIS B 201 -6.31 9.82 21.40
CA HIS B 201 -6.53 9.24 20.07
C HIS B 201 -7.35 7.95 20.09
N ASN B 202 -6.90 6.94 20.83
CA ASN B 202 -7.58 5.66 20.87
C ASN B 202 -8.97 5.78 21.45
N ARG B 203 -9.10 6.57 22.51
CA ARG B 203 -10.38 6.79 23.14
C ARG B 203 -11.37 7.41 22.17
N VAL B 204 -10.89 8.41 21.43
CA VAL B 204 -11.73 9.07 20.45
C VAL B 204 -12.24 8.07 19.41
N HIS B 205 -11.34 7.23 18.88
CA HIS B 205 -11.74 6.21 17.90
C HIS B 205 -12.83 5.31 18.47
N ARG B 206 -12.56 4.78 19.66
CA ARG B 206 -13.51 3.92 20.38
C ARG B 206 -14.84 4.61 20.70
N TRP B 207 -14.78 5.92 20.94
CA TRP B 207 -15.95 6.70 21.29
C TRP B 207 -16.91 6.86 20.10
N VAL B 208 -16.32 7.02 18.92
CA VAL B 208 -17.13 7.21 17.74
C VAL B 208 -17.86 5.91 17.40
N GLY B 209 -17.14 4.79 17.48
CA GLY B 209 -17.70 3.51 17.09
C GLY B 209 -17.79 3.40 15.57
N GLY B 210 -18.65 2.49 15.10
CA GLY B 210 -18.75 2.21 13.69
C GLY B 210 -17.42 1.79 13.09
N GLN B 211 -17.19 2.13 11.84
CA GLN B 211 -15.90 1.82 11.21
C GLN B 211 -14.75 2.45 11.98
N MET B 212 -14.98 3.68 12.44
CA MET B 212 -14.00 4.41 13.24
C MET B 212 -13.45 3.60 14.41
N GLY B 213 -14.26 2.68 14.92
CA GLY B 213 -13.85 1.86 16.04
C GLY B 213 -12.92 0.71 15.67
N VAL B 214 -12.73 0.46 14.38
CA VAL B 214 -11.92 -0.63 13.89
C VAL B 214 -10.82 -0.17 12.95
N VAL B 215 -9.61 -0.55 13.25
CA VAL B 215 -8.46 -0.09 12.52
C VAL B 215 -8.56 -0.19 11.00
N PRO B 216 -8.85 -1.37 10.46
CA PRO B 216 -8.93 -1.51 9.00
C PRO B 216 -10.07 -0.71 8.34
N THR B 217 -10.95 -0.11 9.13
CA THR B 217 -12.09 0.51 8.50
C THR B 217 -12.25 1.99 8.81
N ALA B 218 -11.44 2.49 9.75
CA ALA B 218 -11.70 3.81 10.32
C ALA B 218 -11.80 4.96 9.30
N PRO B 219 -10.92 4.98 8.29
CA PRO B 219 -10.98 6.11 7.34
C PRO B 219 -12.18 6.07 6.39
N ASN B 220 -13.17 5.22 6.64
CA ASN B 220 -14.44 5.27 5.90
C ASN B 220 -15.25 6.45 6.43
N ASP B 221 -14.95 6.88 7.65
CA ASP B 221 -15.57 8.08 8.18
C ASP B 221 -14.65 9.25 7.96
N PRO B 222 -15.13 10.25 7.22
CA PRO B 222 -14.36 11.46 6.88
C PRO B 222 -13.89 12.23 8.11
N VAL B 223 -14.52 11.97 9.26
CA VAL B 223 -14.16 12.60 10.53
C VAL B 223 -12.90 11.93 11.13
N PHE B 224 -12.50 10.80 10.55
CA PHE B 224 -11.16 10.26 10.78
C PHE B 224 -10.08 11.33 10.58
N PHE B 225 -10.20 12.07 9.48
CA PHE B 225 -9.26 13.13 9.15
C PHE B 225 -9.38 14.34 10.09
N LEU B 226 -10.59 14.71 10.47
CA LEU B 226 -10.79 15.76 11.44
C LEU B 226 -10.16 15.44 12.75
N HIS B 227 -10.26 14.20 13.15
CA HIS B 227 -9.69 13.71 14.39
C HIS B 227 -8.17 13.66 14.30
N HIS B 228 -7.65 13.08 13.22
CA HIS B 228 -6.21 13.04 13.03
C HIS B 228 -5.57 14.41 12.78
N ALA B 229 -6.40 15.40 12.48
CA ALA B 229 -5.92 16.77 12.37
C ALA B 229 -5.76 17.37 13.75
N ASN B 230 -6.63 16.99 14.68
CA ASN B 230 -6.51 17.46 16.05
C ASN B 230 -5.30 16.81 16.70
N VAL B 231 -5.12 15.52 16.38
CA VAL B 231 -3.96 14.82 16.86
C VAL B 231 -2.70 15.47 16.30
N ASP B 232 -2.70 15.76 15.01
CA ASP B 232 -1.54 16.36 14.38
C ASP B 232 -1.25 17.78 14.93
N ARG B 233 -2.32 18.51 15.21
CA ARG B 233 -2.22 19.81 15.86
C ARG B 233 -1.64 19.73 17.28
N ILE B 234 -2.04 18.72 18.05
CA ILE B 234 -1.51 18.58 19.39
C ILE B 234 -0.02 18.27 19.37
N TRP B 235 0.39 17.47 18.38
CA TRP B 235 1.79 17.18 18.16
C TRP B 235 2.50 18.48 17.73
N ALA B 236 1.84 19.25 16.90
CA ALA B 236 2.40 20.55 16.56
C ALA B 236 2.62 21.37 17.82
N VAL B 237 1.62 21.43 18.70
CA VAL B 237 1.71 22.22 19.92
C VAL B 237 2.88 21.75 20.79
N TRP B 238 2.97 20.43 21.00
CA TRP B 238 4.09 19.84 21.73
C TRP B 238 5.42 20.30 21.13
N GLN B 239 5.47 20.34 19.79
CA GLN B 239 6.68 20.77 19.09
C GLN B 239 6.82 22.28 19.07
N ILE B 240 5.88 22.97 19.69
CA ILE B 240 5.89 24.43 19.75
C ILE B 240 6.82 24.92 20.86
N ILE B 241 7.36 23.99 21.64
CA ILE B 241 8.26 24.32 22.73
C ILE B 241 9.71 24.02 22.36
N HIS B 242 9.91 23.33 21.24
CA HIS B 242 11.24 23.04 20.75
C HIS B 242 11.74 21.72 21.22
N ARG B 243 12.10 20.86 20.28
CA ARG B 243 11.87 21.10 18.86
C ARG B 243 11.15 19.89 18.31
N ASN B 244 11.93 18.93 17.82
CA ASN B 244 11.39 17.66 17.35
C ASN B 244 11.87 16.51 18.22
N GLN B 245 12.75 16.83 19.17
CA GLN B 245 13.29 15.83 20.09
C GLN B 245 13.90 14.65 19.35
N ASN B 246 14.71 14.90 18.32
CA ASN B 246 15.45 13.78 17.72
C ASN B 246 14.60 12.53 17.43
N TYR B 247 13.29 12.67 17.59
CA TYR B 247 12.33 11.70 17.18
C TYR B 247 13.04 10.38 17.27
N GLN B 248 13.09 9.91 18.49
CA GLN B 248 13.31 8.50 18.86
C GLN B 248 12.34 7.53 18.18
N PRO B 249 12.91 6.44 17.64
CA PRO B 249 14.37 6.33 17.66
C PRO B 249 15.00 7.01 16.45
N MET B 250 16.18 7.59 16.63
CA MET B 250 16.97 8.11 15.52
C MET B 250 17.60 6.96 14.75
N LYS B 251 18.07 5.97 15.49
CA LYS B 251 18.69 4.80 14.92
C LYS B 251 18.39 3.57 15.77
N ASN B 252 18.82 2.41 15.30
CA ASN B 252 18.80 1.19 16.10
C ASN B 252 17.39 0.71 16.51
N GLY B 253 16.36 1.37 15.99
CA GLY B 253 15.01 0.89 16.14
C GLY B 253 14.66 -0.07 15.03
N PRO B 254 13.46 -0.67 15.09
CA PRO B 254 12.98 -1.54 14.00
C PRO B 254 12.96 -0.79 12.67
N PHE B 255 13.32 -1.45 11.58
CA PHE B 255 13.22 -0.81 10.28
C PHE B 255 11.79 -0.30 9.99
N GLY B 256 11.70 0.97 9.58
CA GLY B 256 10.43 1.62 9.31
C GLY B 256 9.94 2.46 10.49
N GLN B 257 10.78 2.56 11.51
CA GLN B 257 10.46 3.35 12.70
C GLN B 257 11.70 4.11 13.17
N ASN B 258 12.57 4.47 12.23
CA ASN B 258 13.82 5.17 12.55
C ASN B 258 13.59 6.50 11.84
N PHE B 259 14.31 7.52 12.31
CA PHE B 259 14.23 8.88 11.78
C PHE B 259 14.26 8.94 10.25
N ARG B 260 15.14 8.16 9.63
CA ARG B 260 15.28 8.18 8.18
C ARG B 260 14.82 6.91 7.47
N ASP B 261 13.92 6.15 8.10
CA ASP B 261 13.36 4.99 7.43
C ASP B 261 12.16 5.45 6.63
N PRO B 262 11.93 4.81 5.48
CA PRO B 262 10.69 4.99 4.71
C PRO B 262 9.50 4.46 5.51
N MET B 263 8.41 5.23 5.56
CA MET B 263 7.16 4.79 6.18
C MET B 263 6.21 4.11 5.17
N TYR B 264 6.25 2.79 5.11
CA TYR B 264 5.33 2.03 4.28
C TYR B 264 3.90 2.57 4.46
N PRO B 265 3.13 2.68 3.38
CA PRO B 265 3.49 2.17 2.05
C PRO B 265 4.15 3.21 1.16
N TRP B 266 4.81 4.21 1.75
CA TRP B 266 5.43 5.29 1.00
C TRP B 266 6.95 5.26 1.10
N ASN B 267 7.61 6.23 0.48
CA ASN B 267 9.04 6.40 0.68
C ASN B 267 9.35 7.55 1.65
N THR B 268 8.31 8.18 2.15
CA THR B 268 8.51 9.34 3.02
C THR B 268 9.05 8.91 4.37
N THR B 269 10.02 9.66 4.88
CA THR B 269 10.53 9.44 6.22
C THR B 269 9.87 10.37 7.24
N PRO B 270 10.00 10.03 8.53
CA PRO B 270 9.62 10.90 9.64
C PRO B 270 10.29 12.27 9.55
N GLU B 271 11.58 12.29 9.29
CA GLU B 271 12.27 13.54 9.13
C GLU B 271 11.65 14.37 8.01
N ASP B 272 11.13 13.68 7.01
CA ASP B 272 10.60 14.35 5.87
C ASP B 272 9.49 15.25 6.25
N VAL B 273 8.87 14.95 7.39
CA VAL B 273 7.64 15.59 7.83
C VAL B 273 7.69 16.12 9.28
N MET B 274 8.88 16.20 9.86
CA MET B 274 9.02 16.62 11.27
C MET B 274 8.55 18.04 11.54
N ASN B 275 8.77 18.93 10.58
CA ASN B 275 8.36 20.33 10.66
C ASN B 275 7.14 20.53 9.78
N HIS B 276 5.99 20.77 10.40
CA HIS B 276 4.78 20.96 9.60
C HIS B 276 4.85 22.22 8.77
N ARG B 277 5.46 23.28 9.28
CA ARG B 277 5.56 24.54 8.52
C ARG B 277 6.19 24.32 7.16
N LYS B 278 7.33 23.65 7.15
CA LYS B 278 8.01 23.26 5.92
C LYS B 278 7.12 22.49 4.95
N LEU B 279 6.08 21.91 5.48
CA LEU B 279 5.13 21.19 4.66
C LEU B 279 4.15 22.13 3.97
N GLY B 280 3.95 23.32 4.53
CA GLY B 280 3.21 24.34 3.83
C GLY B 280 1.89 24.75 4.47
N TYR B 281 1.62 24.25 5.67
CA TYR B 281 0.38 24.62 6.36
C TYR B 281 0.64 25.09 7.78
N VAL B 282 -0.37 25.72 8.35
CA VAL B 282 -0.24 26.21 9.68
C VAL B 282 -1.58 26.05 10.36
N TYR B 283 -1.58 25.90 11.67
CA TYR B 283 -2.84 25.84 12.40
C TYR B 283 -3.31 27.22 12.82
N ASP B 284 -4.63 27.39 12.82
CA ASP B 284 -5.25 28.60 13.33
C ASP B 284 -4.83 28.75 14.78
N ILE B 285 -4.61 29.99 15.21
CA ILE B 285 -4.10 30.25 16.55
C ILE B 285 -2.59 30.44 16.48
N GLU B 286 -1.93 29.68 15.62
CA GLU B 286 -0.52 29.86 15.43
C GLU B 286 -0.25 31.24 14.96
C01 YRL C . -0.80 -14.41 -10.65
C02 YRL C . -0.25 -13.21 -11.08
C03 YRL C . -0.81 -14.78 -9.30
C04 YRL C . 0.26 -12.36 -10.15
C05 YRL C . -0.29 -13.90 -8.38
C06 YRL C . 0.24 -12.70 -8.83
O07 YRL C . 0.81 -11.71 -8.01
C08 YRL C . -1.37 -15.32 -11.68
C09 YRL C . -1.82 -16.59 -11.06
O10 YRL C . -1.90 -17.53 -12.06
H021 YRL C . -0.08 -13.06 -12.02
H031 YRL C . -1.36 -15.52 -9.01
H041 YRL C . 0.73 -11.55 -10.43
H051 YRL C . -0.44 -14.04 -7.42
H071 YRL C . 1.57 -12.02 -7.65
H082 YRL C . -0.68 -15.51 -12.36
H081 YRL C . -2.13 -14.88 -12.11
H092 YRL C . -1.17 -16.88 -10.39
H091 YRL C . -2.70 -16.47 -10.65
H101 YRL C . -2.24 -18.28 -11.75
CU CU D . 1.00 -10.08 -9.30
CU CU E . 2.44 -12.12 -11.51
C01 YRL F . -9.41 2.18 15.54
C02 YRL F . -9.57 2.12 14.17
C03 YRL F . -8.28 2.76 16.11
C04 YRL F . -8.61 2.66 13.35
C05 YRL F . -7.32 3.30 15.27
C06 YRL F . -7.48 3.24 13.90
O07 YRL F . -6.54 3.76 13.05
C08 YRL F . -10.45 1.61 16.41
C09 YRL F . -11.02 2.76 17.17
O10 YRL F . -11.85 2.32 18.19
H021 YRL F . -10.32 1.64 13.79
H031 YRL F . -8.10 2.65 17.05
H041 YRL F . -8.71 2.63 12.38
H051 YRL F . -6.47 3.63 15.65
H071 YRL F . -5.92 3.15 12.89
H082 YRL F . -11.15 1.20 15.87
H081 YRL F . -10.07 0.96 17.02
H092 YRL F . -10.28 3.28 17.55
H091 YRL F . -11.53 3.34 16.56
H101 YRL F . -12.29 3.01 18.54
CU CU G . -4.98 4.53 12.45
CU CU H . -6.31 6.86 14.24
#